data_4JM8
#
_entry.id   4JM8
#
_cell.length_a   50.843
_cell.length_b   74.519
_cell.length_c   106.464
_cell.angle_alpha   90.000
_cell.angle_beta   90.000
_cell.angle_gamma   90.000
#
_symmetry.space_group_name_H-M   'P 21 21 21'
#
loop_
_entity.id
_entity.type
_entity.pdbx_description
1 polymer 'Cytochrome c peroxidase'
2 non-polymer 'PROTOPORPHYRIN IX CONTAINING FE'
3 non-polymer PYRIDINE-2,6-DIAMINE
4 non-polymer 'PHOSPHATE ION'
5 water water
#
_entity_poly.entity_id   1
_entity_poly.type   'polypeptide(L)'
_entity_poly.pdbx_seq_one_letter_code
;LVHVASVEKGRSYEDFQKVYNAIALKLREDDEYDNYIGYGPVLVRLAWHISGTWDKHDNTGGSYGGTYRFKKEFNDPSNA
GLQNGFKFLEPIHKEFPWISSGDLFSLGGVTAVQEMQGPKIPWRCGRVDTPEDTTPDNGRLPDADKDAGYVRTFFQRLNM
NDREVVALMGAHALGKTHLKNSGYEGGGANNVFTNEFYLNLLNEDWKLEKNDANNEQWDSKSGYMMLPTDYSLIQDPKYL
SIVKEYANDQDKFFKDFSKAFEKLLENGITFPKDAPSPFIFKTLEEQGL
;
_entity_poly.pdbx_strand_id   A
#
loop_
_chem_comp.id
_chem_comp.type
_chem_comp.name
_chem_comp.formula
26D non-polymer PYRIDINE-2,6-DIAMINE 'C5 H7 N3'
HEM non-polymer 'PROTOPORPHYRIN IX CONTAINING FE' 'C34 H32 Fe N4 O4'
PO4 non-polymer 'PHOSPHATE ION' 'O4 P -3'
#
# COMPACT_ATOMS: atom_id res chain seq x y z
N LEU A 1 6.86 20.14 14.57
CA LEU A 1 6.87 18.71 15.14
C LEU A 1 7.98 17.88 14.46
N VAL A 2 8.96 17.49 15.26
CA VAL A 2 10.12 16.71 14.79
C VAL A 2 10.10 15.30 15.37
N HIS A 3 10.14 14.30 14.48
CA HIS A 3 10.19 12.86 14.89
C HIS A 3 11.52 12.31 14.45
N VAL A 4 12.41 12.09 15.41
CA VAL A 4 13.77 11.63 15.11
C VAL A 4 13.79 10.09 15.20
N ALA A 5 14.23 9.46 14.12
CA ALA A 5 14.39 7.99 14.09
C ALA A 5 15.38 7.55 15.17
N SER A 6 15.01 6.53 15.94
CA SER A 6 15.83 6.01 17.03
C SER A 6 15.84 4.47 16.88
N VAL A 7 16.99 3.94 16.54
CA VAL A 7 17.13 2.51 16.29
C VAL A 7 16.79 1.75 17.54
N GLU A 8 15.96 0.74 17.41
CA GLU A 8 15.62 -0.17 18.52
C GLU A 8 16.96 -0.68 19.10
N LYS A 9 17.10 -0.63 20.42
N LYS A 9 17.08 -0.65 20.42
CA LYS A 9 18.41 -0.68 21.01
CA LYS A 9 18.37 -0.80 21.08
C LYS A 9 19.15 -1.96 20.70
C LYS A 9 19.13 -2.03 20.61
N GLY A 10 20.34 -1.78 20.13
CA GLY A 10 21.26 -2.83 19.78
C GLY A 10 20.93 -3.60 18.50
N ARG A 11 19.86 -3.22 17.79
CA ARG A 11 19.42 -3.99 16.63
C ARG A 11 20.16 -3.55 15.37
N SER A 12 20.24 -4.50 14.45
CA SER A 12 20.93 -4.30 13.18
C SER A 12 20.21 -5.04 12.08
N TYR A 13 20.76 -4.94 10.88
N TYR A 13 20.78 -5.01 10.88
CA TYR A 13 20.15 -5.58 9.74
CA TYR A 13 20.15 -5.58 9.70
C TYR A 13 19.64 -7.00 10.06
C TYR A 13 19.63 -6.99 9.95
N GLU A 14 20.50 -7.86 10.60
N GLU A 14 20.42 -7.81 10.59
CA GLU A 14 20.15 -9.26 10.78
CA GLU A 14 20.04 -9.21 10.79
C GLU A 14 18.97 -9.49 11.76
C GLU A 14 18.74 -9.35 11.58
N ASP A 15 18.65 -8.52 12.63
N ASP A 15 18.62 -8.54 12.63
CA ASP A 15 17.43 -8.55 13.42
CA ASP A 15 17.42 -8.54 13.45
C ASP A 15 16.19 -8.31 12.56
C ASP A 15 16.17 -8.28 12.59
N PHE A 16 16.26 -7.27 11.75
CA PHE A 16 15.10 -6.93 10.90
C PHE A 16 14.88 -7.95 9.78
N GLN A 17 15.95 -8.55 9.25
CA GLN A 17 15.77 -9.67 8.33
C GLN A 17 15.03 -10.83 8.96
N LYS A 18 15.25 -11.07 10.25
N LYS A 18 15.24 -11.09 10.24
CA LYS A 18 14.50 -12.11 10.92
CA LYS A 18 14.48 -12.13 10.88
C LYS A 18 13.01 -11.81 10.99
C LYS A 18 13.00 -11.81 10.99
N VAL A 19 12.67 -10.54 11.25
CA VAL A 19 11.30 -10.11 11.28
C VAL A 19 10.65 -10.22 9.89
N TYR A 20 11.36 -9.73 8.90
CA TYR A 20 10.92 -9.90 7.52
C TYR A 20 10.65 -11.40 7.23
N ASN A 21 11.60 -12.25 7.61
CA ASN A 21 11.42 -13.67 7.29
C ASN A 21 10.21 -14.25 7.99
N ALA A 22 9.94 -13.85 9.22
CA ALA A 22 8.76 -14.34 9.94
C ALA A 22 7.48 -13.90 9.21
N ILE A 23 7.42 -12.64 8.81
CA ILE A 23 6.28 -12.13 8.03
C ILE A 23 6.14 -12.94 6.76
N ALA A 24 7.26 -13.13 6.04
CA ALA A 24 7.23 -13.81 4.75
C ALA A 24 6.82 -15.25 4.87
N LEU A 25 7.27 -15.92 5.92
CA LEU A 25 6.90 -17.33 6.13
C LEU A 25 5.42 -17.45 6.46
N LYS A 26 4.89 -16.51 7.24
N LYS A 26 4.89 -16.51 7.24
CA LYS A 26 3.48 -16.49 7.57
CA LYS A 26 3.49 -16.47 7.58
C LYS A 26 2.63 -16.17 6.33
C LYS A 26 2.64 -16.18 6.34
N LEU A 27 3.13 -15.31 5.43
CA LEU A 27 2.42 -15.05 4.19
C LEU A 27 2.28 -16.31 3.36
N ARG A 28 3.32 -17.12 3.36
CA ARG A 28 3.30 -18.38 2.62
C ARG A 28 2.34 -19.35 3.30
N GLU A 29 2.32 -19.41 4.64
N GLU A 29 2.36 -19.44 4.62
CA GLU A 29 1.55 -20.40 5.43
CA GLU A 29 1.55 -20.43 5.29
C GLU A 29 0.07 -20.14 5.42
C GLU A 29 0.07 -20.11 5.21
N ASP A 30 -0.31 -18.88 5.59
CA ASP A 30 -1.69 -18.49 5.75
C ASP A 30 -2.30 -18.11 4.39
N ASP A 31 -2.34 -19.07 3.51
CA ASP A 31 -2.64 -18.85 2.10
C ASP A 31 -4.10 -18.75 1.73
N GLU A 32 -4.97 -19.17 2.64
N GLU A 32 -5.01 -19.20 2.61
CA GLU A 32 -6.38 -19.30 2.34
CA GLU A 32 -6.43 -19.28 2.28
C GLU A 32 -7.11 -17.98 2.34
C GLU A 32 -7.15 -17.96 2.36
N TYR A 33 -6.59 -16.99 3.07
CA TYR A 33 -7.26 -15.74 3.31
C TYR A 33 -7.77 -15.06 2.04
N ASP A 34 -8.98 -14.56 2.14
CA ASP A 34 -9.62 -13.78 1.10
C ASP A 34 -9.64 -14.57 -0.22
N ASN A 35 -10.21 -15.80 -0.14
CA ASN A 35 -10.32 -16.70 -1.28
CA ASN A 35 -10.33 -16.65 -1.31
C ASN A 35 -8.99 -16.91 -2.00
N TYR A 36 -8.00 -17.23 -1.16
N TYR A 36 -8.00 -17.22 -1.16
CA TYR A 36 -6.67 -17.67 -1.62
CA TYR A 36 -6.66 -17.65 -1.60
C TYR A 36 -5.84 -16.55 -2.21
C TYR A 36 -5.82 -16.54 -2.18
N ILE A 37 -6.23 -15.29 -1.99
CA ILE A 37 -5.32 -14.18 -2.29
C ILE A 37 -4.15 -14.18 -1.30
N GLY A 38 -4.38 -14.51 -0.04
CA GLY A 38 -3.37 -14.39 0.97
C GLY A 38 -3.33 -12.93 1.47
N TYR A 39 -2.51 -12.70 2.47
CA TYR A 39 -2.46 -11.42 3.17
C TYR A 39 -1.57 -10.36 2.54
N GLY A 40 -0.88 -10.66 1.43
CA GLY A 40 0.01 -9.69 0.86
C GLY A 40 -0.66 -8.35 0.59
N PRO A 41 -1.76 -8.36 -0.19
CA PRO A 41 -2.35 -7.07 -0.56
C PRO A 41 -2.83 -6.28 0.67
N VAL A 42 -3.50 -6.91 1.63
N VAL A 42 -3.48 -6.91 1.64
CA VAL A 42 -3.97 -6.17 2.76
CA VAL A 42 -3.96 -6.16 2.79
C VAL A 42 -2.81 -5.55 3.56
C VAL A 42 -2.80 -5.57 3.61
N LEU A 43 -1.65 -6.24 3.64
CA LEU A 43 -0.49 -5.69 4.30
C LEU A 43 0.05 -4.44 3.59
N VAL A 44 0.03 -4.45 2.27
CA VAL A 44 0.45 -3.28 1.50
C VAL A 44 -0.52 -2.12 1.80
N ARG A 45 -1.82 -2.42 1.82
N ARG A 45 -1.82 -2.40 1.78
CA ARG A 45 -2.73 -1.36 2.08
CA ARG A 45 -2.81 -1.39 2.10
C ARG A 45 -2.59 -0.83 3.52
C ARG A 45 -2.59 -0.83 3.52
N LEU A 46 -2.32 -1.71 4.47
CA LEU A 46 -2.11 -1.28 5.85
C LEU A 46 -0.93 -0.32 5.90
N ALA A 47 0.20 -0.69 5.30
CA ALA A 47 1.37 0.16 5.34
C ALA A 47 1.09 1.54 4.74
N TRP A 48 0.32 1.58 3.65
CA TRP A 48 -0.09 2.84 3.04
C TRP A 48 -1.00 3.61 3.95
N HIS A 49 -2.03 3.02 4.55
CA HIS A 49 -2.94 3.77 5.36
C HIS A 49 -2.34 4.30 6.62
N ILE A 50 -1.39 3.60 7.22
CA ILE A 50 -0.73 4.12 8.40
C ILE A 50 0.21 5.28 8.08
N SER A 51 0.68 5.33 6.85
CA SER A 51 1.52 6.39 6.37
C SER A 51 0.76 7.57 5.83
N GLY A 52 -0.38 7.30 5.20
CA GLY A 52 -1.13 8.26 4.45
C GLY A 52 -1.96 9.26 5.26
N THR A 53 -1.94 9.13 6.59
CA THR A 53 -2.43 10.12 7.47
C THR A 53 -1.55 11.34 7.59
N TRP A 54 -0.35 11.31 7.05
CA TRP A 54 0.59 12.36 7.21
C TRP A 54 0.11 13.68 6.62
N ASP A 55 0.45 14.78 7.29
CA ASP A 55 0.23 16.12 6.75
C ASP A 55 1.53 16.87 6.76
N LYS A 56 2.05 17.19 5.57
CA LYS A 56 3.29 17.90 5.46
C LYS A 56 3.29 19.26 6.15
N HIS A 57 2.12 19.83 6.35
N HIS A 57 2.12 19.88 6.36
CA HIS A 57 2.07 21.20 6.88
CA HIS A 57 2.09 21.26 6.90
C HIS A 57 2.49 21.29 8.34
C HIS A 57 2.49 21.34 8.37
N ASP A 58 2.15 20.31 9.13
CA ASP A 58 2.42 20.28 10.55
C ASP A 58 3.05 19.01 11.08
N ASN A 59 3.38 18.10 10.19
CA ASN A 59 3.98 16.82 10.52
C ASN A 59 3.13 16.03 11.52
N THR A 60 1.84 16.15 11.46
CA THR A 60 0.94 15.28 12.15
C THR A 60 0.74 14.00 11.33
N GLY A 61 0.24 12.94 11.97
CA GLY A 61 0.02 11.65 11.35
C GLY A 61 1.36 11.06 10.89
N GLY A 62 1.30 10.19 9.89
CA GLY A 62 2.46 9.51 9.38
C GLY A 62 2.76 8.20 10.10
N SER A 63 3.69 7.44 9.54
CA SER A 63 3.99 6.14 10.10
C SER A 63 4.72 6.12 11.42
N TYR A 64 5.40 7.19 11.78
N TYR A 64 5.39 7.21 11.76
CA TYR A 64 6.37 7.13 12.87
CA TYR A 64 6.37 7.21 12.86
C TYR A 64 5.76 6.62 14.14
C TYR A 64 5.79 6.68 14.16
N GLY A 65 4.62 7.17 14.55
CA GLY A 65 4.10 6.91 15.89
C GLY A 65 3.38 5.62 16.11
N GLY A 66 3.10 4.86 15.05
CA GLY A 66 2.40 3.63 15.20
C GLY A 66 0.97 3.72 15.71
N THR A 67 0.31 4.83 15.40
CA THR A 67 -0.93 5.21 16.03
C THR A 67 -2.16 4.40 15.58
N TYR A 68 -2.01 3.58 14.53
CA TYR A 68 -3.04 2.69 14.11
C TYR A 68 -3.46 1.71 15.23
N ARG A 69 -2.57 1.44 16.18
N ARG A 69 -2.56 1.47 16.19
CA ARG A 69 -2.92 0.56 17.28
CA ARG A 69 -2.87 0.59 17.32
C ARG A 69 -4.03 1.11 18.15
C ARG A 69 -3.90 1.16 18.28
N PHE A 70 -4.29 2.42 18.09
CA PHE A 70 -5.29 3.05 18.92
C PHE A 70 -6.64 3.10 18.27
N LYS A 71 -7.70 2.92 19.06
N LYS A 71 -7.65 3.01 19.12
CA LYS A 71 -9.03 2.73 18.50
CA LYS A 71 -9.03 2.87 18.73
C LYS A 71 -9.53 3.84 17.57
C LYS A 71 -9.49 3.82 17.65
N LYS A 72 -9.21 5.11 17.84
CA LYS A 72 -9.72 6.12 16.92
C LYS A 72 -9.30 5.81 15.48
N GLU A 73 -8.02 5.44 15.28
N GLU A 73 -8.03 5.39 15.29
CA GLU A 73 -7.49 5.26 13.94
CA GLU A 73 -7.48 5.12 13.97
C GLU A 73 -7.83 3.90 13.40
C GLU A 73 -7.89 3.72 13.50
N PHE A 74 -7.81 2.85 14.24
N PHE A 74 -7.77 2.71 14.37
CA PHE A 74 -8.14 1.54 13.68
CA PHE A 74 -8.13 1.38 14.02
C PHE A 74 -9.63 1.41 13.38
C PHE A 74 -9.59 1.37 13.46
N ASN A 75 -10.45 2.22 14.06
CA ASN A 75 -11.86 2.31 13.72
C ASN A 75 -12.23 3.32 12.66
N ASP A 76 -11.25 3.94 12.02
CA ASP A 76 -11.56 4.87 10.95
C ASP A 76 -12.34 4.10 9.89
N PRO A 77 -13.49 4.61 9.45
CA PRO A 77 -14.17 3.93 8.34
C PRO A 77 -13.27 3.70 7.11
N SER A 78 -12.34 4.61 6.85
CA SER A 78 -11.40 4.43 5.76
C SER A 78 -10.50 3.21 5.88
N ASN A 79 -10.34 2.70 7.10
CA ASN A 79 -9.50 1.58 7.44
C ASN A 79 -10.28 0.25 7.56
N ALA A 80 -11.55 0.22 7.16
CA ALA A 80 -12.30 -0.99 7.31
C ALA A 80 -11.67 -2.12 6.52
N GLY A 81 -11.43 -3.25 7.18
CA GLY A 81 -10.78 -4.38 6.61
C GLY A 81 -9.32 -4.55 6.99
N LEU A 82 -8.68 -3.47 7.38
CA LEU A 82 -7.26 -3.51 7.76
C LEU A 82 -7.00 -4.23 9.06
N GLN A 83 -8.07 -4.45 9.84
CA GLN A 83 -7.94 -5.26 11.05
C GLN A 83 -7.43 -6.66 10.73
N ASN A 84 -7.70 -7.15 9.53
CA ASN A 84 -7.21 -8.47 9.12
C ASN A 84 -5.67 -8.45 9.02
N GLY A 85 -5.11 -7.35 8.51
CA GLY A 85 -3.65 -7.19 8.46
C GLY A 85 -3.02 -7.04 9.83
N PHE A 86 -3.69 -6.30 10.70
CA PHE A 86 -3.23 -6.14 12.09
C PHE A 86 -3.21 -7.49 12.79
N LYS A 87 -4.27 -8.28 12.62
N LYS A 87 -4.29 -8.27 12.64
CA LYS A 87 -4.33 -9.61 13.23
CA LYS A 87 -4.36 -9.59 13.25
C LYS A 87 -3.26 -10.54 12.72
C LYS A 87 -3.24 -10.50 12.74
N PHE A 88 -2.96 -10.46 11.42
CA PHE A 88 -1.85 -11.22 10.85
C PHE A 88 -0.54 -10.91 11.56
N LEU A 89 -0.33 -9.62 11.81
CA LEU A 89 0.95 -9.17 12.36
C LEU A 89 1.05 -9.42 13.88
N GLU A 90 -0.05 -9.66 14.58
N GLU A 90 -0.09 -9.72 14.52
CA GLU A 90 0.05 -9.83 16.04
CA GLU A 90 -0.12 -9.99 15.96
C GLU A 90 1.00 -10.99 16.48
C GLU A 90 0.95 -10.97 16.41
N PRO A 91 0.97 -12.20 15.85
CA PRO A 91 1.98 -13.18 16.31
C PRO A 91 3.39 -12.78 15.97
N ILE A 92 3.58 -12.00 14.91
CA ILE A 92 4.92 -11.48 14.58
C ILE A 92 5.39 -10.55 15.68
N HIS A 93 4.50 -9.64 16.11
CA HIS A 93 4.86 -8.71 17.19
C HIS A 93 5.12 -9.45 18.49
N LYS A 94 4.40 -10.53 18.74
N LYS A 94 4.36 -10.51 18.75
CA LYS A 94 4.63 -11.29 19.96
CA LYS A 94 4.58 -11.33 19.95
C LYS A 94 5.98 -11.97 19.97
C LYS A 94 5.99 -11.91 19.95
N GLU A 95 6.42 -12.45 18.82
CA GLU A 95 7.75 -13.02 18.69
C GLU A 95 8.88 -12.02 18.77
N PHE A 96 8.63 -10.82 18.25
CA PHE A 96 9.63 -9.77 18.17
C PHE A 96 9.07 -8.51 18.85
N PRO A 97 8.93 -8.56 20.20
CA PRO A 97 8.21 -7.50 20.84
C PRO A 97 8.98 -6.17 20.90
N TRP A 98 10.25 -6.20 20.56
CA TRP A 98 11.13 -5.05 20.56
C TRP A 98 10.90 -4.13 19.36
N ILE A 99 10.26 -4.60 18.28
CA ILE A 99 10.06 -3.72 17.13
C ILE A 99 8.95 -2.72 17.44
N SER A 100 9.16 -1.47 17.03
CA SER A 100 8.08 -0.49 17.20
C SER A 100 6.89 -0.81 16.30
N SER A 101 5.70 -0.29 16.65
CA SER A 101 4.56 -0.57 15.82
C SER A 101 4.68 0.00 14.43
N GLY A 102 5.12 1.26 14.33
CA GLY A 102 5.32 1.83 12.99
C GLY A 102 6.33 1.07 12.16
N ASP A 103 7.41 0.62 12.78
CA ASP A 103 8.35 -0.19 12.05
C ASP A 103 7.70 -1.49 11.58
N LEU A 104 6.94 -2.15 12.45
CA LEU A 104 6.29 -3.39 12.04
C LEU A 104 5.30 -3.20 10.92
N PHE A 105 4.42 -2.16 11.01
CA PHE A 105 3.41 -2.01 9.97
C PHE A 105 4.04 -1.68 8.64
N SER A 106 5.03 -0.80 8.63
CA SER A 106 5.73 -0.43 7.42
C SER A 106 6.54 -1.59 6.85
N LEU A 107 7.23 -2.34 7.69
CA LEU A 107 7.98 -3.52 7.25
C LEU A 107 7.01 -4.59 6.69
N GLY A 108 5.80 -4.70 7.25
CA GLY A 108 4.85 -5.64 6.67
C GLY A 108 4.55 -5.32 5.22
N GLY A 109 4.43 -4.03 4.87
CA GLY A 109 4.19 -3.67 3.50
C GLY A 109 5.36 -3.93 2.57
N VAL A 110 6.58 -3.61 3.04
CA VAL A 110 7.77 -3.93 2.29
C VAL A 110 7.85 -5.44 2.01
N THR A 111 7.66 -6.21 3.07
CA THR A 111 7.80 -7.64 2.95
C THR A 111 6.77 -8.19 1.94
N ALA A 112 5.54 -7.70 2.04
CA ALA A 112 4.50 -8.13 1.15
C ALA A 112 4.84 -7.82 -0.31
N VAL A 113 5.24 -6.58 -0.58
CA VAL A 113 5.61 -6.21 -1.97
C VAL A 113 6.72 -7.13 -2.51
N GLN A 114 7.73 -7.36 -1.72
CA GLN A 114 8.86 -8.15 -2.20
C GLN A 114 8.50 -9.61 -2.38
N GLU A 115 7.75 -10.16 -1.43
CA GLU A 115 7.39 -11.58 -1.52
C GLU A 115 6.41 -11.81 -2.65
N MET A 116 5.62 -10.82 -3.01
CA MET A 116 4.74 -10.85 -4.19
C MET A 116 5.50 -10.58 -5.50
N GLN A 117 6.82 -10.66 -5.49
CA GLN A 117 7.66 -10.54 -6.67
C GLN A 117 7.74 -9.12 -7.19
N GLY A 118 7.48 -8.15 -6.28
CA GLY A 118 7.64 -6.77 -6.64
C GLY A 118 9.05 -6.27 -6.52
N PRO A 119 9.27 -4.97 -6.64
CA PRO A 119 10.61 -4.41 -6.52
C PRO A 119 11.14 -4.57 -5.09
N LYS A 120 12.43 -4.54 -4.95
CA LYS A 120 13.06 -4.26 -3.66
CA LYS A 120 13.01 -4.30 -3.65
C LYS A 120 12.66 -2.89 -3.18
N ILE A 121 12.28 -2.78 -1.91
CA ILE A 121 11.94 -1.50 -1.28
C ILE A 121 12.92 -1.28 -0.12
N PRO A 122 13.90 -0.41 -0.27
CA PRO A 122 14.77 -0.12 0.88
C PRO A 122 13.90 0.36 2.05
N TRP A 123 14.33 -0.01 3.26
CA TRP A 123 13.54 0.25 4.43
C TRP A 123 14.47 0.66 5.58
N ARG A 124 14.01 1.66 6.34
CA ARG A 124 14.80 2.18 7.45
C ARG A 124 14.02 1.94 8.74
N CYS A 125 14.76 1.53 9.77
CA CYS A 125 14.18 1.38 11.10
C CYS A 125 14.19 2.67 11.89
N GLY A 126 13.52 2.65 13.04
CA GLY A 126 13.63 3.69 14.03
C GLY A 126 12.41 4.51 14.28
N ARG A 127 11.26 4.12 13.74
CA ARG A 127 10.00 4.72 14.18
C ARG A 127 9.79 4.40 15.67
N VAL A 128 9.24 5.36 16.38
CA VAL A 128 9.04 5.23 17.87
C VAL A 128 7.59 5.45 18.19
N ASP A 129 7.00 4.52 18.93
CA ASP A 129 5.62 4.62 19.32
C ASP A 129 5.39 5.93 20.08
N THR A 130 4.32 6.62 19.72
CA THR A 130 3.90 7.82 20.37
C THR A 130 2.50 7.60 21.03
N PRO A 131 2.12 8.51 21.96
CA PRO A 131 0.93 8.23 22.76
C PRO A 131 -0.41 8.37 22.09
N GLU A 132 -1.48 7.94 22.74
CA GLU A 132 -2.78 7.92 22.10
C GLU A 132 -3.24 9.28 21.65
N ASP A 133 -2.87 10.33 22.39
CA ASP A 133 -3.24 11.69 21.99
C ASP A 133 -2.61 12.22 20.71
N THR A 134 -1.63 11.47 20.18
CA THR A 134 -1.01 11.85 18.90
C THR A 134 -1.69 11.22 17.70
N THR A 135 -2.70 10.41 17.94
CA THR A 135 -3.42 9.74 16.86
C THR A 135 -4.14 10.78 16.02
N PRO A 136 -3.92 10.74 14.71
CA PRO A 136 -4.68 11.68 13.86
C PRO A 136 -6.17 11.37 13.79
N ASP A 137 -7.00 12.41 13.70
CA ASP A 137 -8.40 12.23 13.45
C ASP A 137 -8.66 11.51 12.14
N ASN A 138 -9.81 10.87 12.06
CA ASN A 138 -10.29 10.23 10.83
C ASN A 138 -10.52 11.31 9.77
N GLY A 139 -10.46 10.89 8.52
CA GLY A 139 -10.80 11.75 7.37
C GLY A 139 -9.61 12.20 6.55
N ARG A 140 -8.41 11.71 6.88
CA ARG A 140 -7.20 12.10 6.16
C ARG A 140 -6.86 11.20 4.96
N LEU A 141 -7.53 10.06 4.84
CA LEU A 141 -7.29 9.17 3.75
C LEU A 141 -8.26 9.46 2.59
N PRO A 142 -7.95 9.09 1.37
CA PRO A 142 -8.68 9.65 0.23
C PRO A 142 -10.00 8.96 -0.07
N ASP A 143 -10.91 9.73 -0.65
CA ASP A 143 -12.14 9.19 -1.20
C ASP A 143 -11.94 8.63 -2.60
N ALA A 144 -12.72 7.60 -2.95
CA ALA A 144 -12.59 6.91 -4.23
C ALA A 144 -13.53 7.40 -5.32
N ASP A 145 -14.53 8.20 -4.95
N ASP A 145 -14.49 8.25 -4.95
CA ASP A 145 -15.56 8.63 -5.90
CA ASP A 145 -15.58 8.63 -5.87
C ASP A 145 -15.31 10.05 -6.38
C ASP A 145 -15.27 9.86 -6.76
N LYS A 146 -14.07 10.37 -6.66
CA LYS A 146 -13.66 11.68 -7.09
C LYS A 146 -12.84 11.59 -8.36
N ASP A 147 -12.41 12.75 -8.85
CA ASP A 147 -11.78 12.93 -10.12
C ASP A 147 -10.28 13.23 -9.98
N ALA A 148 -9.61 13.47 -11.13
CA ALA A 148 -8.19 13.63 -11.16
C ALA A 148 -7.74 14.85 -10.38
N GLY A 149 -8.50 15.93 -10.43
CA GLY A 149 -8.10 17.13 -9.72
C GLY A 149 -8.11 16.88 -8.21
N TYR A 150 -9.09 16.12 -7.74
CA TYR A 150 -9.12 15.69 -6.36
C TYR A 150 -7.89 14.89 -5.96
N VAL A 151 -7.56 13.89 -6.79
CA VAL A 151 -6.42 13.03 -6.53
C VAL A 151 -5.13 13.86 -6.44
N ARG A 152 -4.95 14.77 -7.41
CA ARG A 152 -3.74 15.57 -7.50
C ARG A 152 -3.61 16.48 -6.26
N THR A 153 -4.68 17.15 -5.88
CA THR A 153 -4.67 18.01 -4.69
C THR A 153 -4.46 17.18 -3.45
N PHE A 154 -5.14 16.03 -3.33
N PHE A 154 -5.14 16.03 -3.35
CA PHE A 154 -5.01 15.22 -2.15
CA PHE A 154 -5.04 15.20 -2.15
C PHE A 154 -3.56 14.89 -1.87
C PHE A 154 -3.61 14.81 -1.86
N PHE A 155 -2.89 14.39 -2.91
CA PHE A 155 -1.54 13.89 -2.77
C PHE A 155 -0.49 14.97 -2.56
N GLN A 156 -0.83 16.24 -2.85
N GLN A 156 -0.85 16.23 -2.84
CA GLN A 156 0.08 17.33 -2.47
CA GLN A 156 0.02 17.34 -2.48
C GLN A 156 0.30 17.38 -0.97
C GLN A 156 0.28 17.40 -0.98
N ARG A 157 -0.72 16.93 -0.20
N ARG A 157 -0.72 16.97 -0.18
CA ARG A 157 -0.56 16.96 1.27
CA ARG A 157 -0.55 17.02 1.28
C ARG A 157 0.54 15.99 1.75
C ARG A 157 0.49 15.99 1.80
N LEU A 158 0.71 14.95 0.96
CA LEU A 158 1.71 13.92 1.18
C LEU A 158 3.02 14.17 0.45
N ASN A 159 3.14 15.36 -0.13
CA ASN A 159 4.31 15.75 -0.89
C ASN A 159 4.62 14.81 -2.05
N MET A 160 3.55 14.33 -2.74
CA MET A 160 3.71 13.50 -3.91
C MET A 160 3.30 14.27 -5.16
N ASN A 161 4.11 14.13 -6.21
CA ASN A 161 3.88 14.72 -7.50
C ASN A 161 3.17 13.75 -8.45
N ASP A 162 2.91 14.18 -9.67
CA ASP A 162 2.11 13.36 -10.56
C ASP A 162 2.73 11.99 -10.79
N ARG A 163 4.03 11.91 -11.06
CA ARG A 163 4.66 10.64 -11.29
CA ARG A 163 4.68 10.66 -11.25
C ARG A 163 4.56 9.73 -10.07
N GLU A 164 4.77 10.29 -8.90
CA GLU A 164 4.71 9.51 -7.68
C GLU A 164 3.30 8.99 -7.43
N VAL A 165 2.29 9.79 -7.68
CA VAL A 165 0.89 9.37 -7.54
C VAL A 165 0.61 8.22 -8.49
N VAL A 166 0.94 8.38 -9.76
CA VAL A 166 0.61 7.33 -10.71
C VAL A 166 1.37 6.06 -10.38
N ALA A 167 2.63 6.15 -9.98
CA ALA A 167 3.40 4.98 -9.58
C ALA A 167 2.76 4.30 -8.37
N LEU A 168 2.43 5.05 -7.35
CA LEU A 168 1.85 4.45 -6.14
C LEU A 168 0.57 3.70 -6.46
N MET A 169 -0.27 4.26 -7.33
N MET A 169 -0.21 4.29 -7.37
N MET A 169 -0.23 4.29 -7.35
CA MET A 169 -1.59 3.65 -7.63
CA MET A 169 -1.50 3.76 -7.72
CA MET A 169 -1.53 3.77 -7.71
C MET A 169 -1.45 2.33 -8.36
C MET A 169 -1.41 2.36 -8.26
C MET A 169 -1.41 2.35 -8.29
N GLY A 170 -0.26 2.02 -8.88
CA GLY A 170 -0.07 0.71 -9.42
C GLY A 170 -0.24 -0.42 -8.43
N ALA A 171 -0.19 -0.13 -7.16
CA ALA A 171 -0.53 -1.12 -6.14
C ALA A 171 -1.95 -1.66 -6.27
N HIS A 172 -2.81 -0.97 -7.00
CA HIS A 172 -4.15 -1.41 -7.29
C HIS A 172 -4.24 -2.57 -8.28
N ALA A 173 -3.07 -3.07 -8.72
CA ALA A 173 -3.02 -4.43 -9.31
C ALA A 173 -3.26 -5.53 -8.30
N LEU A 174 -3.09 -5.21 -7.01
CA LEU A 174 -3.07 -6.21 -5.96
C LEU A 174 -4.45 -6.38 -5.31
N GLY A 175 -4.79 -7.60 -4.93
CA GLY A 175 -5.93 -7.83 -4.09
C GLY A 175 -7.24 -7.46 -4.77
N LYS A 176 -8.15 -6.92 -3.97
N LYS A 176 -8.16 -6.91 -4.02
CA LYS A 176 -9.49 -6.58 -4.42
CA LYS A 176 -9.45 -6.55 -4.58
C LYS A 176 -10.19 -5.58 -3.53
C LYS A 176 -10.20 -5.67 -3.58
N THR A 177 -11.26 -5.02 -4.06
CA THR A 177 -12.18 -4.28 -3.23
C THR A 177 -13.22 -5.24 -2.68
N HIS A 178 -13.79 -4.86 -1.54
CA HIS A 178 -14.81 -5.66 -0.86
C HIS A 178 -15.97 -4.77 -0.52
N LEU A 179 -17.17 -5.14 -0.98
CA LEU A 179 -18.32 -4.23 -0.84
C LEU A 179 -18.53 -3.81 0.62
N LYS A 180 -18.40 -4.78 1.52
N LYS A 180 -18.40 -4.78 1.54
CA LYS A 180 -18.66 -4.51 2.94
CA LYS A 180 -18.65 -4.50 2.96
C LYS A 180 -17.61 -3.64 3.64
C LYS A 180 -17.66 -3.50 3.55
N ASN A 181 -16.44 -3.49 3.02
CA ASN A 181 -15.41 -2.60 3.57
C ASN A 181 -15.57 -1.19 3.06
N SER A 182 -15.73 -1.04 1.75
CA SER A 182 -15.58 0.26 1.12
C SER A 182 -16.71 0.69 0.22
N GLY A 183 -17.67 -0.21 -0.02
CA GLY A 183 -18.74 0.13 -0.98
C GLY A 183 -18.36 -0.04 -2.43
N TYR A 184 -17.26 -0.72 -2.69
N TYR A 184 -17.31 -0.81 -2.70
CA TYR A 184 -16.83 -1.12 -4.04
CA TYR A 184 -16.86 -1.18 -4.05
C TYR A 184 -16.62 -2.61 -3.99
C TYR A 184 -16.81 -2.70 -4.25
N GLU A 185 -16.83 -3.28 -5.13
N GLU A 185 -17.37 -3.16 -5.35
CA GLU A 185 -16.62 -4.71 -5.24
CA GLU A 185 -17.51 -4.58 -5.63
C GLU A 185 -15.91 -5.12 -6.52
C GLU A 185 -16.26 -5.09 -6.27
N GLY A 186 -14.93 -6.04 -6.36
N GLY A 186 -15.62 -6.08 -5.63
CA GLY A 186 -14.30 -6.73 -7.45
CA GLY A 186 -14.38 -6.62 -6.15
C GLY A 186 -12.84 -6.41 -7.60
C GLY A 186 -14.47 -7.26 -7.50
N GLY A 187 -12.24 -6.92 -8.67
N GLY A 187 -13.38 -7.17 -8.25
CA GLY A 187 -10.83 -6.76 -8.87
CA GLY A 187 -13.30 -7.88 -9.53
C GLY A 187 -10.16 -8.05 -9.28
C GLY A 187 -12.18 -8.89 -9.50
N GLY A 188 -8.88 -7.97 -9.61
N GLY A 188 -11.74 -9.28 -10.68
CA GLY A 188 -8.14 -9.11 -10.14
CA GLY A 188 -10.63 -10.22 -10.83
C GLY A 188 -7.86 -10.26 -9.20
C GLY A 188 -9.46 -9.78 -9.98
N ALA A 189 -7.97 -10.02 -7.89
N ALA A 189 -8.83 -10.73 -9.29
CA ALA A 189 -7.66 -11.05 -6.87
CA ALA A 189 -7.81 -10.43 -8.28
C ALA A 189 -6.24 -11.59 -7.05
C ALA A 189 -6.55 -11.27 -8.43
N ASN A 190 -5.45 -10.70 -7.52
N ASN A 190 -5.44 -10.72 -7.99
CA ASN A 190 -4.12 -11.00 -7.89
CA ASN A 190 -4.12 -11.38 -7.95
C ASN A 190 -3.20 -10.81 -6.67
C ASN A 190 -3.29 -10.94 -6.73
N ASN A 191 -2.24 -11.71 -6.50
CA ASN A 191 -1.28 -11.60 -5.42
C ASN A 191 0.15 -11.62 -5.95
N VAL A 192 0.33 -11.17 -7.19
CA VAL A 192 1.64 -10.99 -7.81
C VAL A 192 1.75 -9.51 -8.22
N PHE A 193 2.84 -8.89 -7.84
CA PHE A 193 3.06 -7.47 -8.12
C PHE A 193 3.62 -7.31 -9.52
N THR A 194 2.83 -6.70 -10.40
N THR A 194 2.86 -6.63 -10.39
CA THR A 194 3.19 -6.45 -11.79
CA THR A 194 3.25 -6.36 -11.77
C THR A 194 2.72 -5.04 -12.14
C THR A 194 2.76 -4.98 -12.11
N ASN A 195 2.97 -4.59 -13.36
CA ASN A 195 2.44 -3.37 -13.92
C ASN A 195 1.07 -3.53 -14.59
N GLU A 196 0.29 -4.54 -14.21
N GLU A 196 0.35 -4.57 -14.20
N GLU A 196 0.34 -4.54 -14.17
CA GLU A 196 -0.96 -4.79 -14.96
CA GLU A 196 -0.94 -4.88 -14.83
CA GLU A 196 -0.93 -4.85 -14.82
C GLU A 196 -2.07 -3.81 -14.64
C GLU A 196 -2.03 -3.81 -14.63
C GLU A 196 -1.98 -3.75 -14.67
N PHE A 197 -1.95 -2.99 -13.59
CA PHE A 197 -2.92 -1.91 -13.40
C PHE A 197 -2.98 -1.01 -14.63
N TYR A 198 -1.79 -0.67 -15.14
CA TYR A 198 -1.69 0.28 -16.21
C TYR A 198 -2.15 -0.36 -17.52
N LEU A 199 -1.74 -1.61 -17.76
CA LEU A 199 -2.17 -2.32 -18.92
C LEU A 199 -3.66 -2.49 -18.92
N ASN A 200 -4.26 -2.80 -17.78
CA ASN A 200 -5.69 -2.95 -17.69
C ASN A 200 -6.42 -1.62 -18.00
N LEU A 201 -5.92 -0.53 -17.44
CA LEU A 201 -6.51 0.75 -17.74
C LEU A 201 -6.56 1.01 -19.22
N LEU A 202 -5.46 0.74 -19.92
N LEU A 202 -5.44 0.78 -19.90
CA LEU A 202 -5.35 1.07 -21.34
CA LEU A 202 -5.34 1.16 -21.31
C LEU A 202 -6.01 0.08 -22.27
C LEU A 202 -6.02 0.20 -22.26
N ASN A 203 -6.05 -1.17 -21.87
N ASN A 203 -6.10 -1.06 -21.90
CA ASN A 203 -6.41 -2.27 -22.78
CA ASN A 203 -6.42 -2.10 -22.89
C ASN A 203 -7.87 -2.70 -22.68
C ASN A 203 -7.76 -2.79 -22.68
N GLU A 204 -8.43 -2.69 -21.48
N GLU A 204 -8.47 -2.50 -21.61
CA GLU A 204 -9.79 -3.20 -21.26
CA GLU A 204 -9.74 -3.13 -21.38
C GLU A 204 -10.82 -2.28 -21.88
C GLU A 204 -10.89 -2.19 -21.75
N ASP A 205 -12.02 -2.83 -22.05
CA ASP A 205 -13.18 -2.03 -22.44
CA ASP A 205 -13.27 -2.17 -22.46
C ASP A 205 -14.07 -1.82 -21.21
N TRP A 206 -13.98 -0.57 -20.74
CA TRP A 206 -14.53 -0.18 -19.44
C TRP A 206 -15.93 0.42 -19.59
N LYS A 207 -16.81 0.03 -18.68
CA LYS A 207 -18.17 0.59 -18.62
CA LYS A 207 -18.20 0.51 -18.60
C LYS A 207 -18.43 1.09 -17.21
N LEU A 208 -19.05 2.24 -17.13
CA LEU A 208 -19.34 2.88 -15.86
C LEU A 208 -20.65 2.32 -15.31
N GLU A 209 -20.59 1.55 -14.25
N GLU A 209 -20.60 1.51 -14.28
CA GLU A 209 -21.74 0.84 -13.73
CA GLU A 209 -21.77 0.82 -13.77
C GLU A 209 -22.01 1.29 -12.33
C GLU A 209 -21.95 1.07 -12.29
N LYS A 210 -23.16 0.90 -11.81
N LYS A 210 -23.18 0.92 -11.81
CA LYS A 210 -23.44 0.97 -10.40
CA LYS A 210 -23.46 1.00 -10.40
C LYS A 210 -23.32 -0.38 -9.79
C LYS A 210 -23.46 -0.33 -9.72
N ASN A 211 -22.71 -0.42 -8.62
CA ASN A 211 -22.63 -1.64 -7.82
C ASN A 211 -23.79 -1.75 -6.82
N ASP A 212 -23.79 -2.84 -6.04
CA ASP A 212 -24.92 -3.13 -5.14
C ASP A 212 -25.01 -2.18 -3.96
N ALA A 213 -23.96 -1.38 -3.74
CA ALA A 213 -23.97 -0.30 -2.74
C ALA A 213 -24.39 1.05 -3.33
N ASN A 214 -24.85 1.03 -4.58
N ASN A 214 -24.83 1.06 -4.59
CA ASN A 214 -25.29 2.21 -5.35
CA ASN A 214 -25.28 2.27 -5.31
C ASN A 214 -24.15 3.21 -5.59
C ASN A 214 -24.14 3.22 -5.62
N ASN A 215 -22.90 2.72 -5.66
CA ASN A 215 -21.78 3.55 -6.06
C ASN A 215 -21.33 3.22 -7.45
N GLU A 216 -20.84 4.20 -8.17
CA GLU A 216 -20.30 3.99 -9.50
C GLU A 216 -18.86 3.42 -9.47
N GLN A 217 -18.63 2.47 -10.33
CA GLN A 217 -17.28 1.94 -10.59
C GLN A 217 -17.19 1.54 -12.03
N TRP A 218 -15.98 1.46 -12.53
CA TRP A 218 -15.73 1.04 -13.88
C TRP A 218 -15.46 -0.44 -13.94
N ASP A 219 -16.17 -1.13 -14.82
N ASP A 219 -16.18 -1.15 -14.80
CA ASP A 219 -16.13 -2.58 -14.91
CA ASP A 219 -16.05 -2.60 -14.87
C ASP A 219 -15.70 -2.97 -16.32
C ASP A 219 -15.82 -3.03 -16.30
N SER A 220 -14.97 -4.07 -16.40
N SER A 220 -15.02 -4.08 -16.47
CA SER A 220 -14.60 -4.59 -17.70
CA SER A 220 -14.80 -4.65 -17.80
C SER A 220 -15.22 -5.99 -17.87
C SER A 220 -15.49 -6.04 -17.93
N LYS A 221 -15.46 -6.31 -19.12
N LYS A 221 -15.71 -6.55 -19.14
CA LYS A 221 -16.06 -7.58 -19.49
CA LYS A 221 -16.27 -7.92 -19.27
C LYS A 221 -15.28 -8.80 -19.04
C LYS A 221 -15.26 -8.96 -18.88
N SER A 222 -13.95 -8.62 -18.94
CA SER A 222 -12.98 -9.58 -18.44
CA SER A 222 -12.97 -9.57 -18.46
C SER A 222 -13.10 -9.79 -16.96
N GLY A 223 -13.93 -8.96 -16.30
CA GLY A 223 -14.13 -9.12 -14.91
C GLY A 223 -13.29 -8.26 -14.00
N TYR A 224 -12.69 -7.22 -14.56
N TYR A 224 -12.62 -7.26 -14.56
CA TYR A 224 -11.84 -6.32 -13.77
CA TYR A 224 -11.80 -6.31 -13.75
C TYR A 224 -12.62 -5.06 -13.41
C TYR A 224 -12.67 -5.12 -13.32
N MET A 225 -12.13 -4.33 -12.40
CA MET A 225 -12.78 -3.09 -11.98
C MET A 225 -11.73 -2.03 -11.70
N MET A 226 -12.21 -0.78 -11.79
CA MET A 226 -11.47 0.39 -11.41
C MET A 226 -12.36 1.33 -10.62
N LEU A 227 -11.78 1.99 -9.61
CA LEU A 227 -12.46 3.04 -8.91
C LEU A 227 -12.51 4.29 -9.81
N PRO A 228 -13.46 5.20 -9.53
CA PRO A 228 -13.40 6.49 -10.25
C PRO A 228 -12.04 7.17 -10.17
N THR A 229 -11.39 7.10 -9.02
CA THR A 229 -10.08 7.74 -8.93
C THR A 229 -9.01 7.04 -9.71
N ASP A 230 -9.11 5.70 -9.89
CA ASP A 230 -8.20 4.98 -10.76
C ASP A 230 -8.40 5.44 -12.21
N TYR A 231 -9.66 5.46 -12.66
CA TYR A 231 -9.98 5.80 -14.03
C TYR A 231 -9.59 7.20 -14.38
N SER A 232 -9.58 8.05 -13.35
CA SER A 232 -9.17 9.45 -13.55
C SER A 232 -7.76 9.55 -14.09
N LEU A 233 -6.94 8.52 -13.83
CA LEU A 233 -5.58 8.53 -14.34
C LEU A 233 -5.46 8.42 -15.85
N ILE A 234 -6.54 8.00 -16.52
CA ILE A 234 -6.55 8.01 -18.00
C ILE A 234 -7.47 9.11 -18.54
N GLN A 235 -8.17 9.82 -17.66
CA GLN A 235 -8.98 10.99 -18.08
C GLN A 235 -8.14 12.26 -18.12
N ASP A 236 -7.19 12.39 -17.23
CA ASP A 236 -6.35 13.56 -17.14
C ASP A 236 -5.14 13.34 -18.08
N PRO A 237 -4.79 14.31 -18.92
CA PRO A 237 -3.78 14.03 -19.92
C PRO A 237 -2.39 13.87 -19.34
N LYS A 238 -2.09 14.52 -18.22
CA LYS A 238 -0.79 14.37 -17.60
C LYS A 238 -0.65 13.00 -16.96
N TYR A 239 -1.64 12.57 -16.21
N TYR A 239 -1.68 12.57 -16.25
CA TYR A 239 -1.58 11.21 -15.68
CA TYR A 239 -1.68 11.23 -15.67
C TYR A 239 -1.53 10.22 -16.83
C TYR A 239 -1.69 10.16 -16.76
N LEU A 240 -2.32 10.42 -17.89
CA LEU A 240 -2.41 9.40 -18.94
C LEU A 240 -1.03 9.11 -19.51
N SER A 241 -0.22 10.13 -19.71
CA SER A 241 1.10 9.95 -20.28
CA SER A 241 1.08 9.92 -20.33
C SER A 241 1.95 9.03 -19.42
N ILE A 242 1.82 9.19 -18.08
CA ILE A 242 2.61 8.40 -17.14
C ILE A 242 2.08 6.98 -17.10
N VAL A 243 0.74 6.78 -17.14
CA VAL A 243 0.17 5.46 -17.24
C VAL A 243 0.72 4.74 -18.44
N LYS A 244 0.82 5.40 -19.60
CA LYS A 244 1.40 4.78 -20.74
C LYS A 244 2.85 4.41 -20.55
N GLU A 245 3.60 5.25 -19.91
CA GLU A 245 4.98 4.95 -19.64
CA GLU A 245 5.01 4.95 -19.60
C GLU A 245 5.15 3.64 -18.84
N TYR A 246 4.36 3.52 -17.78
CA TYR A 246 4.48 2.34 -16.92
C TYR A 246 3.89 1.10 -17.56
N ALA A 247 2.86 1.25 -18.40
CA ALA A 247 2.31 0.11 -19.15
C ALA A 247 3.34 -0.43 -20.12
N ASN A 248 4.35 0.38 -20.53
CA ASN A 248 5.33 0.03 -21.52
C ASN A 248 6.72 -0.22 -20.95
N ASP A 249 6.88 -0.16 -19.64
CA ASP A 249 8.20 -0.31 -19.04
C ASP A 249 8.09 -0.82 -17.61
N GLN A 250 8.08 -2.14 -17.47
N GLN A 250 8.09 -2.13 -17.47
CA GLN A 250 8.00 -2.81 -16.17
CA GLN A 250 8.00 -2.79 -16.19
C GLN A 250 9.08 -2.37 -15.22
C GLN A 250 9.08 -2.37 -15.23
N ASP A 251 10.30 -2.30 -15.71
CA ASP A 251 11.41 -1.97 -14.84
C ASP A 251 11.27 -0.54 -14.32
N LYS A 252 10.91 0.37 -15.20
N LYS A 252 10.88 0.38 -15.21
CA LYS A 252 10.77 1.75 -14.75
CA LYS A 252 10.69 1.79 -14.82
C LYS A 252 9.66 1.88 -13.69
C LYS A 252 9.62 1.92 -13.75
N PHE A 253 8.54 1.23 -13.92
N PHE A 253 8.53 1.20 -13.93
CA PHE A 253 7.53 1.20 -12.97
CA PHE A 253 7.53 1.20 -12.97
C PHE A 253 8.02 0.69 -11.61
C PHE A 253 8.01 0.69 -11.60
N PHE A 254 8.73 -0.44 -11.61
CA PHE A 254 9.29 -1.01 -10.41
C PHE A 254 10.18 -0.03 -9.67
N LYS A 255 11.08 0.64 -10.40
CA LYS A 255 12.03 1.57 -9.79
C LYS A 255 11.29 2.77 -9.21
N ASP A 256 10.32 3.31 -9.92
CA ASP A 256 9.62 4.47 -9.46
C ASP A 256 8.65 4.13 -8.33
N PHE A 257 8.00 2.99 -8.34
CA PHE A 257 7.19 2.55 -7.23
C PHE A 257 8.05 2.42 -5.97
N SER A 258 9.21 1.75 -6.11
CA SER A 258 10.08 1.55 -4.96
C SER A 258 10.43 2.87 -4.29
N LYS A 259 10.83 3.84 -5.09
N LYS A 259 10.84 3.85 -5.07
CA LYS A 259 11.19 5.16 -4.57
CA LYS A 259 11.21 5.14 -4.48
C LYS A 259 10.00 5.83 -3.89
C LYS A 259 9.98 5.79 -3.83
N ALA A 260 8.84 5.81 -4.54
CA ALA A 260 7.65 6.48 -3.97
C ALA A 260 7.16 5.83 -2.74
N PHE A 261 7.17 4.49 -2.71
N PHE A 261 7.18 4.52 -2.68
CA PHE A 261 6.66 3.73 -1.56
CA PHE A 261 6.66 3.80 -1.52
C PHE A 261 7.59 3.86 -0.35
C PHE A 261 7.58 3.94 -0.34
N GLU A 262 8.91 3.84 -0.54
N GLU A 262 8.89 3.87 -0.60
CA GLU A 262 9.76 4.14 0.61
CA GLU A 262 9.87 4.15 0.43
C GLU A 262 9.48 5.56 1.09
C GLU A 262 9.67 5.57 1.04
N LYS A 263 9.43 6.48 0.15
N LYS A 263 9.43 6.57 0.19
CA LYS A 263 9.15 7.86 0.55
CA LYS A 263 9.18 7.95 0.63
C LYS A 263 7.93 7.90 1.43
C LYS A 263 7.88 8.11 1.39
N LEU A 264 6.83 7.38 0.92
CA LEU A 264 5.55 7.37 1.63
C LEU A 264 5.70 6.88 3.05
N LEU A 265 6.40 5.75 3.22
N LEU A 265 6.45 5.77 3.19
CA LEU A 265 6.67 5.11 4.51
CA LEU A 265 6.67 5.11 4.46
C LEU A 265 7.65 5.86 5.41
C LEU A 265 7.50 5.94 5.40
N GLU A 266 8.36 6.83 4.83
CA GLU A 266 9.33 7.62 5.58
C GLU A 266 8.88 9.05 5.81
N ASN A 267 7.80 9.49 5.21
CA ASN A 267 7.39 10.90 5.36
C ASN A 267 7.22 11.17 6.83
N GLY A 268 7.71 12.33 7.24
CA GLY A 268 7.61 12.80 8.61
C GLY A 268 8.75 12.45 9.51
N ILE A 269 9.67 11.61 9.06
CA ILE A 269 10.73 11.10 9.91
C ILE A 269 12.01 11.83 9.59
N THR A 270 12.71 12.28 10.64
CA THR A 270 14.05 12.82 10.54
C THR A 270 15.04 11.72 10.87
N PHE A 271 15.90 11.39 9.92
CA PHE A 271 16.95 10.40 10.13
C PHE A 271 18.25 11.16 10.47
N PRO A 272 18.87 10.85 11.63
CA PRO A 272 20.18 11.45 11.98
C PRO A 272 21.19 11.14 10.92
N LYS A 273 22.19 12.00 10.77
CA LYS A 273 23.18 11.84 9.68
C LYS A 273 23.99 10.52 9.87
N ASP A 274 24.10 10.06 11.10
N ASP A 274 24.10 10.06 11.10
CA ASP A 274 24.78 8.81 11.44
CA ASP A 274 24.78 8.80 11.41
C ASP A 274 23.87 7.57 11.51
C ASP A 274 23.80 7.60 11.71
N ALA A 275 22.57 7.72 11.20
CA ALA A 275 21.64 6.57 11.18
C ALA A 275 22.18 5.52 10.24
N PRO A 276 21.78 4.26 10.45
CA PRO A 276 22.16 3.24 9.44
C PRO A 276 21.61 3.57 8.08
N SER A 277 22.34 3.13 7.06
CA SER A 277 21.76 3.19 5.71
C SER A 277 20.50 2.31 5.62
N PRO A 278 19.64 2.60 4.65
CA PRO A 278 18.49 1.75 4.42
C PRO A 278 18.89 0.30 4.21
N PHE A 279 18.06 -0.58 4.73
CA PHE A 279 18.24 -2.03 4.58
C PHE A 279 17.49 -2.51 3.34
N ILE A 280 18.12 -3.42 2.61
CA ILE A 280 17.47 -4.08 1.50
C ILE A 280 17.41 -5.56 1.88
N PHE A 281 16.23 -6.03 2.26
CA PHE A 281 16.04 -7.40 2.70
C PHE A 281 16.04 -8.36 1.55
N LYS A 282 16.59 -9.53 1.81
N LYS A 282 16.62 -9.53 1.77
CA LYS A 282 16.50 -10.67 0.91
CA LYS A 282 16.60 -10.61 0.78
C LYS A 282 15.12 -11.26 1.00
C LYS A 282 15.30 -11.42 0.96
N THR A 283 14.64 -11.74 -0.17
CA THR A 283 13.43 -12.50 -0.17
C THR A 283 13.68 -13.93 0.37
N LEU A 284 12.62 -14.61 0.79
CA LEU A 284 12.80 -16.02 1.16
C LEU A 284 13.47 -16.77 0.03
N GLU A 285 13.00 -16.56 -1.18
CA GLU A 285 13.54 -17.26 -2.33
C GLU A 285 15.06 -17.01 -2.48
N GLU A 286 15.51 -15.74 -2.32
CA GLU A 286 16.92 -15.45 -2.38
C GLU A 286 17.74 -16.14 -1.27
N GLN A 287 17.12 -16.42 -0.14
CA GLN A 287 17.78 -17.09 0.97
C GLN A 287 17.70 -18.60 0.89
N GLY A 288 16.96 -19.12 -0.06
CA GLY A 288 16.77 -20.60 -0.10
C GLY A 288 15.84 -21.10 1.00
N LEU A 289 14.97 -20.24 1.50
CA LEU A 289 14.02 -20.56 2.54
C LEU A 289 12.61 -20.73 2.01
CHA HEM B . -7.71 -1.28 -1.84
CHB HEM B . -9.03 3.35 -2.43
CHC HEM B . -4.41 4.50 -3.08
CHD HEM B . -3.09 0.01 -2.03
C1A HEM B . -8.47 -0.15 -1.91
C2A HEM B . -9.91 -0.08 -1.76
C3A HEM B . -10.30 1.23 -1.93
C4A HEM B . -9.09 1.97 -2.18
CMA HEM B . -11.71 1.85 -1.86
CAA HEM B . -10.77 -1.27 -1.40
CBA HEM B . -10.76 -1.59 0.09
CGA HEM B . -11.66 -2.74 0.40
O1A HEM B . -12.83 -2.72 -0.01
O2A HEM B . -11.15 -3.72 1.01
C1B HEM B . -7.88 4.07 -2.75
C2B HEM B . -7.87 5.46 -3.14
C3B HEM B . -6.55 5.77 -3.36
C4B HEM B . -5.74 4.59 -3.06
CMB HEM B . -9.10 6.32 -3.26
CAB HEM B . -5.99 7.06 -3.81
CBB HEM B . -6.66 7.97 -4.51
C1C HEM B . -3.63 3.39 -2.75
C2C HEM B . -2.15 3.43 -2.64
C3C HEM B . -1.80 2.18 -2.29
C4C HEM B . -3.01 1.37 -2.21
CMC HEM B . -1.32 4.68 -2.79
CAC HEM B . -0.46 1.66 -1.93
CBC HEM B . 0.66 1.98 -2.54
C1D HEM B . -4.24 -0.79 -1.98
C2D HEM B . -4.20 -2.23 -1.94
C3D HEM B . -5.58 -2.60 -1.91
C4D HEM B . -6.35 -1.39 -1.96
CMD HEM B . -3.01 -3.09 -1.98
CAD HEM B . -6.15 -4.01 -1.84
CBD HEM B . -6.46 -4.47 -0.42
CGD HEM B . -7.01 -5.85 -0.28
O1D HEM B . -7.47 -6.16 0.82
O2D HEM B . -6.97 -6.62 -1.27
NA HEM B . -7.99 1.11 -2.17
NB HEM B . -6.56 3.57 -2.70
NC HEM B . -4.09 2.16 -2.47
ND HEM B . -5.54 -0.25 -2.03
FE HEM B . -6.04 1.62 -2.44
N1 26D C . -9.04 -0.78 -8.86
C3 26D C . -8.66 -1.39 -7.68
N3 26D C . -8.38 -2.67 -7.69
C5 26D C . -8.63 -0.67 -6.50
C6 26D C . -8.14 -1.27 -5.41
C4 26D C . -7.76 -2.57 -5.41
C2 26D C . -7.88 -3.27 -6.60
N2 26D C . -7.49 -4.61 -6.70
P PO4 D . 2.00 -14.59 -1.21
O1 PO4 D . 1.07 -14.16 -2.25
O2 PO4 D . 2.82 -15.70 -1.82
O3 PO4 D . 2.93 -13.49 -0.82
O4 PO4 D . 1.13 -15.03 -0.05
#